data_4XW2
#
_entry.id   4XW2
#
_cell.length_a   56.380
_cell.length_b   57.690
_cell.length_c   58.400
_cell.angle_alpha   90.000
_cell.angle_beta   90.000
_cell.angle_gamma   90.000
#
_symmetry.space_group_name_H-M   'P 21 21 21'
#
loop_
_entity.id
_entity.type
_entity.pdbx_description
1 polymer 'Integrin alpha-M'
2 non-polymer 'MAGNESIUM ION'
3 non-polymer 'Simvastatin acid'
4 water water
#
_entity_poly.entity_id   1
_entity_poly.type   'polypeptide(L)'
_entity_poly.pdbx_seq_one_letter_code
;GAMGSPQEDSDIAFLIDGSGSIIPHDFRRMKEFVSTVMEQLKKSKTLFSLMQYSEEFRIHFTFKEFQNNPNPRSLVKPIT
QLLGRTHTATGIRKVVRELFNITNGARKNAFKILVVITDGEKFGDPLGYEDVIPEADREGVIRYVIGVGDAFRSEKSRQE
LNTIASKPPRDHVFQVNNFEALKTIQNQLREKGFAIEG
;
_entity_poly.pdbx_strand_id   A
#
loop_
_chem_comp.id
_chem_comp.type
_chem_comp.name
_chem_comp.formula
MG non-polymer 'MAGNESIUM ION' 'Mg 2'
SIM non-polymer 'Simvastatin acid' 'C25 H40 O6'
#
# COMPACT_ATOMS: atom_id res chain seq x y z
N ASP A 9 13.66 -7.22 9.58
CA ASP A 9 13.96 -5.82 9.85
C ASP A 9 12.96 -4.88 9.19
N SER A 10 12.04 -5.40 8.37
CA SER A 10 11.07 -4.52 7.71
C SER A 10 9.65 -5.06 7.67
N ASP A 11 8.69 -4.19 7.99
CA ASP A 11 7.27 -4.50 7.94
C ASP A 11 6.63 -3.72 6.79
N ILE A 12 6.16 -4.44 5.78
CA ILE A 12 5.57 -3.78 4.62
C ILE A 12 4.06 -4.00 4.53
N ALA A 13 3.32 -2.91 4.58
CA ALA A 13 1.86 -2.96 4.45
C ALA A 13 1.44 -2.47 3.07
N PHE A 14 0.50 -3.17 2.47
CA PHE A 14 -0.11 -2.75 1.22
C PHE A 14 -1.47 -2.15 1.52
N LEU A 15 -1.78 -1.03 0.85
CA LEU A 15 -3.12 -0.46 0.88
C LEU A 15 -3.60 -0.34 -0.57
N ILE A 16 -4.55 -1.18 -0.98
CA ILE A 16 -4.94 -1.17 -2.39
C ILE A 16 -6.36 -0.66 -2.64
N ASP A 17 -6.46 0.16 -3.66
CA ASP A 17 -7.69 0.85 -4.07
C ASP A 17 -8.64 -0.12 -4.76
N GLY A 18 -9.76 -0.46 -4.11
CA GLY A 18 -10.76 -1.35 -4.70
C GLY A 18 -12.01 -0.60 -5.18
N SER A 19 -11.90 0.71 -5.33
CA SER A 19 -13.06 1.55 -5.63
C SER A 19 -13.60 1.35 -7.03
N GLY A 20 -14.79 1.91 -7.28
CA GLY A 20 -15.48 1.74 -8.54
C GLY A 20 -14.72 2.26 -9.75
N SER A 21 -13.79 3.19 -9.56
CA SER A 21 -13.06 3.79 -10.69
C SER A 21 -11.91 2.89 -11.18
N ILE A 22 -11.54 1.92 -10.35
CA ILE A 22 -10.48 0.97 -10.68
C ILE A 22 -11.04 -0.18 -11.50
N ILE A 23 -10.67 -0.28 -12.78
CA ILE A 23 -11.24 -1.37 -13.61
C ILE A 23 -10.64 -2.73 -13.21
N PRO A 24 -11.40 -3.82 -13.45
CA PRO A 24 -10.93 -5.14 -13.00
C PRO A 24 -9.56 -5.54 -13.55
N HIS A 25 -9.20 -5.06 -14.74
CA HIS A 25 -7.88 -5.30 -15.32
C HIS A 25 -6.78 -4.72 -14.44
N ASP A 26 -6.99 -3.49 -13.99
CA ASP A 26 -6.07 -2.84 -13.08
C ASP A 26 -6.11 -3.47 -11.69
N PHE A 27 -7.28 -3.82 -11.19
CA PHE A 27 -7.35 -4.48 -9.89
C PHE A 27 -6.56 -5.81 -9.91
N ARG A 28 -6.73 -6.56 -10.99
CA ARG A 28 -5.97 -7.81 -11.18
C ARG A 28 -4.46 -7.51 -11.16
N ARG A 29 -4.05 -6.46 -11.85
CA ARG A 29 -2.65 -6.08 -11.89
C ARG A 29 -2.11 -5.69 -10.50
N MET A 30 -2.95 -5.06 -9.68
CA MET A 30 -2.59 -4.75 -8.29
C MET A 30 -2.29 -6.02 -7.50
N LYS A 31 -3.13 -7.04 -7.71
CA LYS A 31 -2.96 -8.30 -7.00
C LYS A 31 -1.66 -9.03 -7.41
N GLU A 32 -1.36 -9.08 -8.71
CA GLU A 32 -0.11 -9.70 -9.13
C GLU A 32 1.12 -8.85 -8.75
N PHE A 33 0.98 -7.53 -8.70
CA PHE A 33 2.09 -6.67 -8.24
C PHE A 33 2.42 -6.99 -6.78
N VAL A 34 1.41 -6.95 -5.92
CA VAL A 34 1.55 -7.25 -4.50
C VAL A 34 2.12 -8.66 -4.27
N SER A 35 1.59 -9.63 -5.00
CA SER A 35 2.01 -11.02 -4.85
C SER A 35 3.48 -11.19 -5.26
N THR A 36 3.87 -10.49 -6.32
CA THR A 36 5.23 -10.59 -6.83
C THR A 36 6.23 -9.96 -5.87
N VAL A 37 5.88 -8.82 -5.27
CA VAL A 37 6.71 -8.21 -4.23
C VAL A 37 6.96 -9.19 -3.07
N MET A 38 5.88 -9.84 -2.61
CA MET A 38 5.98 -10.81 -1.55
C MET A 38 6.82 -12.03 -1.95
N GLU A 39 6.57 -12.51 -3.16
CA GLU A 39 7.26 -13.69 -3.66
C GLU A 39 8.75 -13.39 -3.78
N GLN A 40 9.06 -12.19 -4.25
CA GLN A 40 10.44 -11.78 -4.43
C GLN A 40 11.15 -11.56 -3.09
N LEU A 41 10.39 -11.22 -2.06
CA LEU A 41 11.00 -10.95 -0.76
C LEU A 41 10.86 -12.13 0.19
N LYS A 42 10.41 -13.27 -0.33
CA LYS A 42 10.38 -14.48 0.47
C LYS A 42 11.83 -14.87 0.76
N LYS A 43 12.02 -15.69 1.79
CA LYS A 43 13.35 -16.02 2.32
C LYS A 43 14.07 -14.79 2.87
N SER A 44 13.34 -13.70 3.10
CA SER A 44 13.90 -12.52 3.78
C SER A 44 13.22 -12.29 5.12
N LYS A 45 13.68 -11.28 5.85
CA LYS A 45 13.15 -10.95 7.17
C LYS A 45 11.97 -9.96 7.08
N THR A 46 11.22 -10.02 5.98
CA THR A 46 10.11 -9.10 5.78
C THR A 46 8.77 -9.75 6.15
N LEU A 47 7.95 -9.02 6.89
CA LEU A 47 6.56 -9.41 7.10
C LEU A 47 5.66 -8.54 6.26
N PHE A 48 4.51 -9.07 5.85
CA PHE A 48 3.59 -8.35 4.97
C PHE A 48 2.17 -8.31 5.56
N SER A 49 1.45 -7.25 5.23
CA SER A 49 0.07 -7.05 5.66
C SER A 49 -0.65 -6.32 4.53
N LEU A 50 -1.95 -6.56 4.34
CA LEU A 50 -2.66 -5.88 3.25
C LEU A 50 -4.07 -5.46 3.62
N MET A 51 -4.38 -4.21 3.29
CA MET A 51 -5.75 -3.70 3.39
C MET A 51 -6.23 -3.25 2.01
N GLN A 52 -7.45 -3.66 1.67
CA GLN A 52 -8.17 -3.10 0.52
C GLN A 52 -9.16 -2.06 1.05
N TYR A 53 -9.31 -0.96 0.33
CA TYR A 53 -10.23 0.09 0.75
C TYR A 53 -11.08 0.58 -0.41
N SER A 54 -12.28 1.03 -0.07
CA SER A 54 -13.08 1.85 -0.96
C SER A 54 -13.75 2.88 -0.07
N GLU A 55 -15.04 2.73 0.18
CA GLU A 55 -15.69 3.46 1.27
C GLU A 55 -15.80 2.53 2.47
N GLU A 56 -15.43 1.28 2.28
CA GLU A 56 -15.28 0.33 3.38
C GLU A 56 -13.84 -0.21 3.37
N PHE A 57 -13.47 -0.90 4.44
CA PHE A 57 -12.09 -1.27 4.65
C PHE A 57 -11.98 -2.73 5.02
N ARG A 58 -11.11 -3.44 4.31
CA ARG A 58 -10.97 -4.86 4.50
C ARG A 58 -9.52 -5.22 4.71
N ILE A 59 -9.20 -5.69 5.90
CA ILE A 59 -7.87 -6.27 6.17
C ILE A 59 -7.87 -7.70 5.65
N HIS A 60 -7.14 -7.95 4.57
CA HIS A 60 -7.13 -9.30 4.02
C HIS A 60 -6.13 -10.18 4.75
N PHE A 61 -5.07 -9.57 5.28
CA PHE A 61 -4.21 -10.31 6.22
C PHE A 61 -3.35 -9.37 7.04
N THR A 62 -3.19 -9.71 8.31
CA THR A 62 -2.32 -8.95 9.20
C THR A 62 -0.90 -9.46 9.04
N PHE A 63 0.06 -8.76 9.64
CA PHE A 63 1.43 -9.26 9.70
C PHE A 63 1.48 -10.63 10.35
N LYS A 64 0.74 -10.78 11.45
CA LYS A 64 0.71 -12.06 12.17
C LYS A 64 0.13 -13.16 11.27
N GLU A 65 -0.87 -12.82 10.46
CA GLU A 65 -1.49 -13.81 9.60
C GLU A 65 -0.54 -14.19 8.46
N PHE A 66 0.23 -13.23 7.97
CA PHE A 66 1.25 -13.54 6.98
C PHE A 66 2.31 -14.45 7.59
N GLN A 67 2.69 -14.17 8.82
CA GLN A 67 3.73 -14.94 9.48
C GLN A 67 3.32 -16.41 9.64
N ASN A 68 2.03 -16.62 9.88
CA ASN A 68 1.47 -17.96 10.05
C ASN A 68 1.21 -18.67 8.73
N ASN A 69 1.03 -17.90 7.65
CA ASN A 69 0.79 -18.49 6.34
C ASN A 69 1.45 -17.67 5.24
N PRO A 70 2.79 -17.74 5.14
CA PRO A 70 3.53 -16.86 4.23
C PRO A 70 3.45 -17.31 2.77
N ASN A 71 2.24 -17.54 2.28
CA ASN A 71 2.03 -17.99 0.91
C ASN A 71 1.31 -16.91 0.14
N PRO A 72 2.04 -16.18 -0.70
CA PRO A 72 1.46 -15.04 -1.43
C PRO A 72 0.24 -15.44 -2.26
N ARG A 73 0.30 -16.56 -2.96
CA ARG A 73 -0.84 -17.01 -3.75
C ARG A 73 -2.06 -17.25 -2.87
N SER A 74 -1.87 -18.00 -1.79
CA SER A 74 -2.97 -18.33 -0.87
C SER A 74 -3.58 -17.09 -0.21
N LEU A 75 -2.76 -16.05 0.02
CA LEU A 75 -3.23 -14.87 0.73
C LEU A 75 -3.92 -13.86 -0.18
N VAL A 76 -3.49 -13.81 -1.44
CA VAL A 76 -3.95 -12.77 -2.36
C VAL A 76 -5.05 -13.28 -3.31
N LYS A 77 -5.02 -14.58 -3.63
CA LYS A 77 -5.99 -15.15 -4.56
C LYS A 77 -7.48 -14.91 -4.18
N PRO A 78 -7.85 -15.05 -2.89
CA PRO A 78 -9.29 -14.86 -2.59
C PRO A 78 -9.76 -13.40 -2.55
N ILE A 79 -8.88 -12.44 -2.84
CA ILE A 79 -9.25 -11.04 -2.73
C ILE A 79 -10.17 -10.62 -3.87
N THR A 80 -11.38 -10.15 -3.52
CA THR A 80 -12.31 -9.69 -4.54
C THR A 80 -12.59 -8.21 -4.34
N GLN A 81 -12.84 -7.49 -5.44
CA GLN A 81 -12.87 -6.03 -5.42
C GLN A 81 -14.13 -5.46 -4.74
N LEU A 82 -13.93 -4.52 -3.82
CA LEU A 82 -15.05 -3.97 -3.05
C LEU A 82 -16.01 -3.09 -3.87
N LEU A 83 -15.46 -2.28 -4.78
CA LEU A 83 -16.21 -1.21 -5.46
C LEU A 83 -16.70 -0.19 -4.42
N GLY A 84 -17.36 0.87 -4.86
CA GLY A 84 -17.71 1.94 -3.94
C GLY A 84 -16.80 3.15 -4.12
N ARG A 85 -16.89 4.11 -3.21
CA ARG A 85 -16.13 5.35 -3.32
C ARG A 85 -14.67 5.17 -2.91
N THR A 86 -13.91 6.25 -2.80
CA THR A 86 -12.45 6.13 -2.65
C THR A 86 -11.90 6.87 -1.44
N HIS A 87 -11.84 6.19 -0.30
CA HIS A 87 -11.47 6.85 0.95
C HIS A 87 -10.00 6.59 1.28
N THR A 88 -9.13 7.11 0.42
CA THR A 88 -7.70 6.87 0.53
C THR A 88 -7.09 7.39 1.83
N ALA A 89 -7.52 8.57 2.26
CA ALA A 89 -6.92 9.18 3.45
C ALA A 89 -7.32 8.40 4.72
N THR A 90 -8.60 8.04 4.83
CA THR A 90 -9.04 7.18 5.94
C THR A 90 -8.32 5.83 5.91
N GLY A 91 -8.14 5.27 4.71
CA GLY A 91 -7.38 4.05 4.55
C GLY A 91 -5.96 4.18 5.10
N ILE A 92 -5.29 5.29 4.79
CA ILE A 92 -3.96 5.52 5.34
C ILE A 92 -4.02 5.58 6.88
N ARG A 93 -4.98 6.32 7.43
CA ARG A 93 -5.11 6.37 8.90
C ARG A 93 -5.31 4.99 9.53
N LYS A 94 -6.15 4.17 8.90
CA LYS A 94 -6.41 2.84 9.45
C LYS A 94 -5.21 1.90 9.33
N VAL A 95 -4.46 2.01 8.23
CA VAL A 95 -3.22 1.23 8.10
C VAL A 95 -2.27 1.57 9.26
N VAL A 96 -2.06 2.86 9.47
CA VAL A 96 -1.12 3.31 10.48
C VAL A 96 -1.53 2.85 11.88
N ARG A 97 -2.82 3.00 12.20
CA ARG A 97 -3.31 2.69 13.54
C ARG A 97 -3.58 1.20 13.75
N GLU A 98 -3.99 0.49 12.70
CA GLU A 98 -4.35 -0.92 12.84
C GLU A 98 -3.29 -1.90 12.33
N LEU A 99 -2.82 -1.73 11.10
CA LEU A 99 -1.89 -2.72 10.54
C LEU A 99 -0.54 -2.67 11.23
N PHE A 100 -0.04 -1.47 11.50
CA PHE A 100 1.24 -1.32 12.18
C PHE A 100 1.08 -1.31 13.70
N ASN A 101 0.17 -2.14 14.19
CA ASN A 101 -0.03 -2.31 15.62
C ASN A 101 0.61 -3.61 16.07
N ILE A 102 1.28 -3.61 17.21
CA ILE A 102 1.98 -4.78 17.70
C ILE A 102 1.02 -5.94 17.96
N THR A 103 -0.25 -5.62 18.20
CA THR A 103 -1.27 -6.65 18.41
C THR A 103 -1.52 -7.44 17.13
N ASN A 104 -1.21 -6.84 15.98
CA ASN A 104 -1.39 -7.48 14.68
C ASN A 104 -0.10 -8.02 14.07
N GLY A 105 0.94 -8.12 14.89
CA GLY A 105 2.18 -8.74 14.44
C GLY A 105 3.26 -7.79 14.00
N ALA A 106 2.99 -6.48 14.03
CA ALA A 106 4.01 -5.50 13.72
C ALA A 106 5.11 -5.54 14.77
N ARG A 107 6.35 -5.33 14.35
CA ARG A 107 7.52 -5.48 15.21
C ARG A 107 8.13 -4.15 15.62
N LYS A 108 8.59 -4.08 16.87
CA LYS A 108 9.05 -2.84 17.49
C LYS A 108 10.08 -2.03 16.68
N ASN A 109 11.21 -2.65 16.34
CA ASN A 109 12.28 -1.91 15.69
C ASN A 109 12.29 -2.08 14.16
N ALA A 110 11.22 -2.65 13.62
CA ALA A 110 11.14 -2.88 12.18
C ALA A 110 11.06 -1.58 11.39
N PHE A 111 11.64 -1.60 10.20
CA PHE A 111 11.52 -0.51 9.25
C PHE A 111 10.11 -0.55 8.63
N LYS A 112 9.36 0.55 8.76
CA LYS A 112 7.94 0.56 8.37
C LYS A 112 7.73 1.15 6.98
N ILE A 113 7.15 0.35 6.09
CA ILE A 113 6.90 0.81 4.72
C ILE A 113 5.44 0.61 4.38
N LEU A 114 4.80 1.68 3.88
CA LEU A 114 3.45 1.57 3.36
C LEU A 114 3.48 1.75 1.85
N VAL A 115 2.88 0.79 1.15
CA VAL A 115 2.76 0.86 -0.29
C VAL A 115 1.30 1.08 -0.69
N VAL A 116 0.99 2.29 -1.16
CA VAL A 116 -0.37 2.63 -1.53
C VAL A 116 -0.57 2.46 -3.03
N ILE A 117 -1.58 1.70 -3.44
CA ILE A 117 -1.82 1.49 -4.86
C ILE A 117 -3.19 2.02 -5.25
N THR A 118 -3.21 3.06 -6.08
CA THR A 118 -4.45 3.83 -6.36
C THR A 118 -4.34 4.55 -7.71
N ASP A 119 -5.48 5.04 -8.21
CA ASP A 119 -5.45 5.84 -9.44
C ASP A 119 -5.31 7.33 -9.11
N GLY A 120 -5.20 7.64 -7.82
CA GLY A 120 -4.98 9.02 -7.38
C GLY A 120 -6.19 9.93 -7.38
N GLU A 121 -7.37 9.34 -7.25
CA GLU A 121 -8.61 10.14 -7.21
C GLU A 121 -9.43 9.85 -5.96
N LYS A 122 -8.93 10.32 -4.81
CA LYS A 122 -9.68 10.22 -3.56
C LYS A 122 -11.05 10.86 -3.74
N PHE A 123 -12.08 10.21 -3.25
CA PHE A 123 -13.43 10.73 -3.50
C PHE A 123 -14.41 10.30 -2.42
N GLY A 124 -14.99 11.27 -1.73
CA GLY A 124 -16.02 11.02 -0.73
C GLY A 124 -15.45 10.82 0.66
N ASP A 125 -14.14 10.91 0.79
CA ASP A 125 -13.47 10.73 2.08
C ASP A 125 -13.78 11.93 3.01
N PRO A 126 -14.29 11.66 4.23
CA PRO A 126 -14.45 12.78 5.16
C PRO A 126 -13.10 13.36 5.63
N LEU A 127 -12.01 12.62 5.40
CA LEU A 127 -10.68 13.08 5.77
C LEU A 127 -9.86 13.54 4.58
N GLY A 128 -8.97 14.50 4.84
CA GLY A 128 -8.03 14.97 3.83
C GLY A 128 -6.67 14.33 4.09
N TYR A 129 -5.78 14.38 3.10
CA TYR A 129 -4.44 13.85 3.34
C TYR A 129 -3.75 14.62 4.47
N GLU A 130 -4.11 15.89 4.64
CA GLU A 130 -3.52 16.72 5.69
C GLU A 130 -3.87 16.18 7.08
N ASP A 131 -4.92 15.36 7.15
CA ASP A 131 -5.38 14.80 8.42
C ASP A 131 -4.66 13.51 8.80
N VAL A 132 -3.98 12.88 7.85
CA VAL A 132 -3.44 11.54 8.09
C VAL A 132 -1.96 11.39 7.78
N ILE A 133 -1.45 12.17 6.82
CA ILE A 133 -0.03 12.07 6.46
C ILE A 133 0.89 12.44 7.64
N PRO A 134 0.56 13.52 8.39
CA PRO A 134 1.39 13.79 9.56
C PRO A 134 1.44 12.63 10.56
N GLU A 135 0.32 11.96 10.78
CA GLU A 135 0.31 10.82 11.68
C GLU A 135 1.23 9.72 11.14
N ALA A 136 1.19 9.50 9.84
CA ALA A 136 2.07 8.52 9.22
C ALA A 136 3.56 8.86 9.45
N ASP A 137 3.94 10.12 9.28
CA ASP A 137 5.32 10.51 9.54
C ASP A 137 5.67 10.35 11.03
N ARG A 138 4.70 10.62 11.89
CA ARG A 138 4.90 10.54 13.34
C ARG A 138 5.29 9.14 13.78
N GLU A 139 4.80 8.14 13.04
CA GLU A 139 5.08 6.75 13.38
C GLU A 139 6.19 6.18 12.51
N GLY A 140 6.84 7.03 11.72
CA GLY A 140 8.00 6.62 10.95
C GLY A 140 7.70 5.75 9.74
N VAL A 141 6.48 5.84 9.22
CA VAL A 141 6.09 5.03 8.07
C VAL A 141 6.57 5.65 6.76
N ILE A 142 7.34 4.88 5.99
CA ILE A 142 7.82 5.29 4.67
C ILE A 142 6.75 4.99 3.63
N ARG A 143 6.38 5.94 2.81
CA ARG A 143 5.25 5.75 1.92
C ARG A 143 5.66 5.74 0.46
N TYR A 144 5.41 4.59 -0.19
CA TYR A 144 5.58 4.45 -1.63
C TYR A 144 4.21 4.45 -2.28
N VAL A 145 4.10 5.08 -3.45
CA VAL A 145 2.82 5.11 -4.12
C VAL A 145 2.94 4.52 -5.51
N ILE A 146 2.06 3.58 -5.80
CA ILE A 146 2.03 2.90 -7.09
C ILE A 146 0.79 3.38 -7.86
N GLY A 147 1.01 4.19 -8.91
CA GLY A 147 -0.11 4.73 -9.69
C GLY A 147 -0.68 3.72 -10.68
N VAL A 148 -2.01 3.71 -10.82
CA VAL A 148 -2.67 2.85 -11.80
C VAL A 148 -3.63 3.65 -12.69
N GLY A 149 -4.01 3.05 -13.82
CA GLY A 149 -4.95 3.71 -14.73
C GLY A 149 -4.43 5.03 -15.26
N ASP A 150 -5.25 6.06 -15.21
CA ASP A 150 -4.82 7.35 -15.74
C ASP A 150 -4.17 8.29 -14.71
N ALA A 151 -3.60 7.72 -13.65
CA ALA A 151 -3.03 8.54 -12.58
C ALA A 151 -1.97 9.53 -13.07
N PHE A 152 -1.17 9.11 -14.05
CA PHE A 152 -0.07 9.97 -14.51
C PHE A 152 -0.44 10.90 -15.65
N ARG A 153 -1.69 10.83 -16.08
CA ARG A 153 -2.12 11.58 -17.26
C ARG A 153 -2.72 12.97 -16.96
N SER A 154 -3.00 13.27 -15.70
CA SER A 154 -3.48 14.61 -15.37
C SER A 154 -2.74 15.15 -14.16
N GLU A 155 -2.63 16.47 -14.09
CA GLU A 155 -1.89 17.14 -13.04
C GLU A 155 -2.49 16.90 -11.66
N LYS A 156 -3.81 16.82 -11.58
CA LYS A 156 -4.47 16.65 -10.30
C LYS A 156 -4.10 15.29 -9.69
N SER A 157 -4.18 14.24 -10.50
CA SER A 157 -3.93 12.90 -9.95
C SER A 157 -2.42 12.71 -9.70
N ARG A 158 -1.58 13.26 -10.57
CA ARG A 158 -0.14 13.22 -10.36
C ARG A 158 0.23 13.86 -9.03
N GLN A 159 -0.35 15.03 -8.75
CA GLN A 159 -0.03 15.72 -7.51
C GLN A 159 -0.61 14.99 -6.31
N GLU A 160 -1.73 14.30 -6.49
CA GLU A 160 -2.25 13.50 -5.38
C GLU A 160 -1.31 12.35 -5.01
N LEU A 161 -0.72 11.69 -6.00
CA LEU A 161 0.25 10.63 -5.74
C LEU A 161 1.45 11.19 -4.96
N ASN A 162 1.90 12.37 -5.38
CA ASN A 162 3.01 13.04 -4.70
C ASN A 162 2.67 13.38 -3.26
N THR A 163 1.43 13.77 -3.03
CA THR A 163 0.96 14.17 -1.71
C THR A 163 1.01 12.99 -0.73
N ILE A 164 0.68 11.81 -1.25
CA ILE A 164 0.71 10.59 -0.44
C ILE A 164 2.13 10.10 -0.17
N ALA A 165 2.98 10.13 -1.21
CA ALA A 165 4.34 9.57 -1.10
C ALA A 165 5.24 10.35 -0.18
N SER A 166 6.20 9.65 0.41
CA SER A 166 7.27 10.27 1.17
C SER A 166 8.16 11.08 0.21
N LYS A 167 8.94 12.00 0.76
CA LYS A 167 9.73 12.93 -0.06
C LYS A 167 11.14 12.40 -0.24
N PRO A 168 11.78 12.68 -1.40
CA PRO A 168 11.19 13.35 -2.57
C PRO A 168 10.30 12.39 -3.36
N PRO A 169 9.23 12.93 -3.98
CA PRO A 169 8.24 12.13 -4.71
C PRO A 169 8.86 11.23 -5.77
N ARG A 170 9.83 11.74 -6.52
CA ARG A 170 10.40 10.97 -7.61
C ARG A 170 11.14 9.72 -7.12
N ASP A 171 11.43 9.66 -5.82
CA ASP A 171 12.03 8.47 -5.21
C ASP A 171 10.99 7.49 -4.66
N HIS A 172 9.73 7.90 -4.63
CA HIS A 172 8.72 7.10 -3.94
C HIS A 172 7.44 6.84 -4.77
N VAL A 173 7.33 7.47 -5.93
CA VAL A 173 6.14 7.29 -6.79
C VAL A 173 6.50 6.49 -8.04
N PHE A 174 5.74 5.42 -8.28
CA PHE A 174 6.04 4.48 -9.35
C PHE A 174 4.77 4.00 -10.07
N GLN A 175 4.94 3.08 -11.00
CA GLN A 175 3.82 2.55 -11.77
C GLN A 175 3.55 1.09 -11.45
N VAL A 176 2.30 0.69 -11.67
CA VAL A 176 1.93 -0.70 -11.44
C VAL A 176 2.34 -1.57 -12.62
N ASN A 177 2.63 -0.93 -13.76
CA ASN A 177 2.96 -1.64 -15.00
C ASN A 177 4.36 -2.26 -15.04
N ASN A 178 5.14 -2.01 -14.01
CA ASN A 178 6.50 -2.54 -13.96
C ASN A 178 6.89 -2.74 -12.51
N PHE A 179 8.13 -3.16 -12.27
CA PHE A 179 8.56 -3.41 -10.90
C PHE A 179 9.72 -2.52 -10.45
N GLU A 180 9.82 -1.34 -11.05
CA GLU A 180 10.78 -0.32 -10.60
C GLU A 180 10.64 -0.04 -9.10
N ALA A 181 9.41 -0.02 -8.60
CA ALA A 181 9.17 0.21 -7.18
C ALA A 181 9.81 -0.87 -6.31
N LEU A 182 9.72 -2.12 -6.78
CA LEU A 182 10.32 -3.23 -6.07
C LEU A 182 11.85 -3.10 -6.05
N LYS A 183 12.42 -2.70 -7.18
CA LYS A 183 13.86 -2.53 -7.30
C LYS A 183 14.35 -1.48 -6.29
N THR A 184 13.59 -0.39 -6.20
CA THR A 184 13.91 0.69 -5.28
C THR A 184 13.81 0.22 -3.84
N ILE A 185 12.72 -0.47 -3.51
CA ILE A 185 12.55 -1.00 -2.16
C ILE A 185 13.67 -1.98 -1.82
N GLN A 186 14.01 -2.87 -2.75
CA GLN A 186 15.10 -3.82 -2.52
C GLN A 186 16.42 -3.11 -2.26
N ASN A 187 16.69 -2.07 -3.05
CA ASN A 187 17.88 -1.25 -2.85
C ASN A 187 17.87 -0.54 -1.50
N GLN A 188 16.72 0.03 -1.13
CA GLN A 188 16.61 0.71 0.16
C GLN A 188 16.86 -0.27 1.30
N LEU A 189 16.27 -1.45 1.21
CA LEU A 189 16.39 -2.46 2.25
C LEU A 189 17.81 -2.97 2.38
N ARG A 190 18.50 -3.07 1.25
CA ARG A 190 19.90 -3.50 1.22
C ARG A 190 20.78 -2.47 1.92
N GLU A 191 20.65 -1.21 1.53
CA GLU A 191 21.39 -0.11 2.14
C GLU A 191 21.16 -0.05 3.66
N LYS A 192 19.89 -0.08 4.05
CA LYS A 192 19.53 -0.07 5.46
C LYS A 192 20.02 -1.33 6.16
MG MG B . -11.90 5.47 -7.07
O1A SIM C . -13.90 5.26 -7.47
O1B SIM C . -14.69 6.58 -5.88
O3 SIM C . -14.65 7.28 -9.11
O5 SIM C . -18.29 5.33 -9.64
O14 SIM C . -23.91 9.10 -7.57
O18 SIM C . -26.10 9.31 -8.12
C1 SIM C . -14.79 5.94 -6.94
C2 SIM C . -16.12 5.99 -7.70
C3 SIM C . -15.81 6.45 -9.14
C4 SIM C . -16.94 7.29 -9.72
C5 SIM C . -18.25 6.72 -9.23
C6 SIM C . -19.42 7.54 -9.82
C7 SIM C . -20.62 6.64 -9.70
C8 SIM C . -21.74 7.13 -8.77
C9 SIM C . -21.37 6.85 -7.29
C10 SIM C . -20.60 7.83 -6.68
C11 SIM C . -20.66 9.15 -7.11
C12 SIM C . -21.40 9.54 -8.23
C17 SIM C . -21.40 10.87 -8.62
C16 SIM C . -22.21 11.15 -9.69
C15 SIM C . -23.62 10.48 -9.57
C14 SIM C . -23.57 9.07 -8.95
C13 SIM C . -22.13 8.64 -9.03
C9A SIM C . -20.72 5.47 -7.12
C18 SIM C . -25.18 9.51 -7.34
C19 SIM C . -25.39 10.20 -5.99
C20 SIM C . -25.19 9.18 -4.85
C21 SIM C . -23.73 8.94 -4.49
C22 SIM C . -24.39 11.35 -5.86
C23 SIM C . -26.80 10.75 -5.89
C24 SIM C . -22.41 12.63 -9.69
#